data_6SF8
#
_entry.id   6SF8
#
_cell.length_a   57.903
_cell.length_b   57.903
_cell.length_c   398.288
_cell.angle_alpha   90.000
_cell.angle_beta   90.000
_cell.angle_gamma   120.000
#
_symmetry.space_group_name_H-M   'P 61 2 2'
#
loop_
_entity.id
_entity.type
_entity.pdbx_description
1 polymer 'Farnesyl diphosphate synthase'
2 non-polymer 'SULFATE ION'
3 non-polymer 3-[(4E)-4-imino-5,6-dimethylfuro[2,3-d]pyrimidin-3(4H)-yl]-N,N-dimethylpropan-1-amine
4 water water
#
_entity_poly.entity_id   1
_entity_poly.type   'polypeptide(L)'
_entity_poly.pdbx_seq_one_letter_code
;MASMERFLSVYDEVQAFLLDQLQSKYEIDPNRARYLRIMMDTTCLGGKYFRGMTVVNVAEGFLAVTQHDEATKERILHDA
CVGGWMIEFLQAHYLVEDDIMDGSVMRRGKPCWYRFPGVTTQCAINDGIILKSWTQIMAWHYFADRPFLKDLLCLFQKVD
YATAVGQMYDVTSMCDSNKLDPEVAQPMTTDFAEFTPAIYKRIVKYKTTFYTYLLPLVMGLLVSEAAASVEMNLVERVAH
LIGEYFQVQDDVMDCFTPPEQLGKVGTDIEDAKCSWLAVTFLGKANAAQVAEFKANYGEKDPAKVAVVKRLYSKANLQAD
FAAYEAEVVREVESLIEQLKVKSPTFAESVAVVWEKTHKRKK
;
_entity_poly.pdbx_strand_id   A
#
loop_
_chem_comp.id
_chem_comp.type
_chem_comp.name
_chem_comp.formula
47Y non-polymer 3-[(4E)-4-imino-5,6-dimethylfuro[2,3-d]pyrimidin-3(4H)-yl]-N,N-dimethylpropan-1-amine 'C13 H20 N4 O'
SO4 non-polymer 'SULFATE ION' 'O4 S -2'
#
# COMPACT_ATOMS: atom_id res chain seq x y z
N MET A 1 -19.26 2.83 -20.00
CA MET A 1 -17.89 2.27 -20.25
C MET A 1 -17.50 1.32 -19.12
N ALA A 2 -16.59 0.39 -19.42
CA ALA A 2 -15.99 -0.45 -18.38
C ALA A 2 -15.44 0.42 -17.26
N SER A 3 -15.41 -0.16 -16.05
CA SER A 3 -14.91 0.58 -14.89
C SER A 3 -13.46 1.01 -15.08
N MET A 4 -12.63 0.08 -15.55
CA MET A 4 -11.21 0.40 -15.72
C MET A 4 -11.02 1.47 -16.77
N GLU A 5 -11.79 1.38 -17.86
CA GLU A 5 -11.68 2.39 -18.90
C GLU A 5 -12.05 3.77 -18.39
N ARG A 6 -13.11 3.86 -17.58
CA ARG A 6 -13.44 5.13 -16.95
C ARG A 6 -12.30 5.61 -16.06
N PHE A 7 -11.78 4.72 -15.24
CA PHE A 7 -10.70 5.11 -14.33
C PHE A 7 -9.51 5.67 -15.09
N LEU A 8 -9.07 4.99 -16.16
CA LEU A 8 -7.94 5.50 -16.93
C LEU A 8 -8.28 6.79 -17.66
N SER A 9 -9.53 6.96 -18.11
CA SER A 9 -9.86 8.22 -18.76
C SER A 9 -9.77 9.38 -17.77
N VAL A 10 -10.12 9.13 -16.51
CA VAL A 10 -10.03 10.19 -15.52
C VAL A 10 -8.58 10.54 -15.21
N TYR A 11 -7.66 9.58 -15.27
CA TYR A 11 -6.26 9.93 -15.13
C TYR A 11 -5.86 11.00 -16.14
N ASP A 12 -6.26 10.84 -17.40
N ASP A 12 -6.25 10.82 -17.40
CA ASP A 12 -5.84 11.82 -18.40
CA ASP A 12 -5.91 11.80 -18.43
C ASP A 12 -6.46 13.20 -18.11
C ASP A 12 -6.44 13.18 -18.05
N GLU A 13 -7.68 13.22 -17.58
CA GLU A 13 -8.28 14.50 -17.22
C GLU A 13 -7.53 15.15 -16.06
N VAL A 14 -7.25 14.37 -15.02
CA VAL A 14 -6.59 14.92 -13.85
C VAL A 14 -5.19 15.41 -14.21
N GLN A 15 -4.47 14.63 -15.01
CA GLN A 15 -3.14 15.03 -15.43
C GLN A 15 -3.19 16.36 -16.18
N ALA A 16 -4.12 16.46 -17.12
CA ALA A 16 -4.23 17.69 -17.89
C ALA A 16 -4.57 18.85 -16.99
N PHE A 17 -5.47 18.65 -16.02
CA PHE A 17 -5.82 19.72 -15.10
C PHE A 17 -4.60 20.19 -14.31
N LEU A 18 -3.83 19.24 -13.80
CA LEU A 18 -2.69 19.61 -12.96
C LEU A 18 -1.64 20.34 -13.78
N LEU A 19 -1.36 19.84 -14.99
CA LEU A 19 -0.30 20.44 -15.80
C LEU A 19 -0.76 21.78 -16.36
N ASP A 20 -2.02 21.87 -16.77
CA ASP A 20 -2.54 23.15 -17.22
C ASP A 20 -2.47 24.20 -16.11
N GLN A 21 -2.79 23.80 -14.87
CA GLN A 21 -2.75 24.74 -13.76
C GLN A 21 -1.32 25.21 -13.48
N LEU A 22 -0.36 24.31 -13.62
CA LEU A 22 1.04 24.71 -13.46
C LEU A 22 1.41 25.78 -14.49
N GLN A 23 0.85 25.67 -15.68
CA GLN A 23 1.16 26.64 -16.74
C GLN A 23 0.45 27.97 -16.50
N SER A 24 -0.83 27.92 -16.16
CA SER A 24 -1.64 29.11 -16.02
C SER A 24 -1.44 29.84 -14.70
N LYS A 25 -0.97 29.14 -13.66
CA LYS A 25 -0.91 29.75 -12.33
C LYS A 25 0.47 29.71 -11.69
N TYR A 26 1.35 28.81 -12.10
CA TYR A 26 2.64 28.65 -11.43
C TYR A 26 3.80 28.99 -12.35
N GLU A 27 3.51 29.61 -13.50
CA GLU A 27 4.52 30.16 -14.38
C GLU A 27 5.45 29.07 -14.91
N ILE A 28 4.98 27.82 -14.96
CA ILE A 28 5.87 26.75 -15.40
C ILE A 28 6.14 26.85 -16.90
N ASP A 29 7.32 26.41 -17.30
CA ASP A 29 7.72 26.34 -18.70
C ASP A 29 7.44 24.98 -19.29
N PRO A 30 7.34 24.87 -20.63
CA PRO A 30 6.97 23.59 -21.23
C PRO A 30 7.91 22.46 -20.90
N ASN A 31 9.21 22.74 -20.69
CA ASN A 31 10.12 21.64 -20.45
C ASN A 31 9.97 21.07 -19.03
N ARG A 32 9.76 21.92 -18.04
CA ARG A 32 9.51 21.42 -16.69
C ARG A 32 8.13 20.77 -16.58
N ALA A 33 7.13 21.26 -17.34
CA ALA A 33 5.85 20.57 -17.41
C ALA A 33 6.01 19.17 -17.99
N ARG A 34 6.83 19.05 -19.05
CA ARG A 34 7.11 17.72 -19.61
C ARG A 34 7.77 16.81 -18.59
N TYR A 35 8.77 17.32 -17.85
CA TYR A 35 9.41 16.53 -16.81
C TYR A 35 8.38 16.00 -15.82
N LEU A 36 7.48 16.87 -15.38
CA LEU A 36 6.49 16.46 -14.37
C LEU A 36 5.44 15.52 -14.96
N ARG A 37 5.11 15.66 -16.23
CA ARG A 37 4.22 14.70 -16.89
C ARG A 37 4.86 13.33 -16.92
N ILE A 38 6.14 13.26 -17.31
CA ILE A 38 6.83 11.96 -17.34
C ILE A 38 6.96 11.39 -15.93
N MET A 39 7.27 12.24 -14.94
CA MET A 39 7.32 11.78 -13.56
C MET A 39 5.99 11.18 -13.13
N MET A 40 4.91 11.88 -13.43
CA MET A 40 3.59 11.39 -13.05
C MET A 40 3.32 10.04 -13.69
N ASP A 41 3.53 9.92 -15.01
CA ASP A 41 3.27 8.66 -15.68
C ASP A 41 4.14 7.54 -15.12
N THR A 42 5.43 7.84 -14.88
CA THR A 42 6.36 6.79 -14.50
C THR A 42 6.09 6.29 -13.09
N THR A 43 5.67 7.20 -12.20
CA THR A 43 5.46 6.84 -10.82
C THR A 43 4.05 6.37 -10.50
N CYS A 44 3.05 6.77 -11.30
CA CYS A 44 1.65 6.49 -10.98
C CYS A 44 1.04 5.40 -11.85
N LEU A 45 1.58 5.14 -13.02
CA LEU A 45 1.00 4.20 -13.96
C LEU A 45 1.80 2.91 -13.97
N GLY A 46 1.12 1.84 -14.34
CA GLY A 46 1.78 0.58 -14.66
C GLY A 46 1.52 -0.51 -13.65
N GLY A 47 0.86 -0.20 -12.54
CA GLY A 47 0.42 -1.20 -11.60
C GLY A 47 -0.96 -1.71 -11.99
N LYS A 48 -1.59 -2.42 -11.04
CA LYS A 48 -2.90 -2.99 -11.26
C LYS A 48 -4.03 -2.05 -10.86
N TYR A 49 -3.69 -0.95 -10.19
CA TYR A 49 -4.67 0.04 -9.74
C TYR A 49 -5.68 -0.58 -8.80
N PHE A 50 -5.30 -1.61 -8.06
CA PHE A 50 -6.35 -2.25 -7.28
C PHE A 50 -6.85 -1.36 -6.14
N ARG A 51 -6.02 -0.48 -5.59
CA ARG A 51 -6.51 0.43 -4.54
C ARG A 51 -7.50 1.44 -5.11
N GLY A 52 -7.14 2.11 -6.20
CA GLY A 52 -8.05 3.06 -6.80
C GLY A 52 -9.33 2.41 -7.33
N MET A 53 -9.21 1.24 -7.92
CA MET A 53 -10.40 0.58 -8.44
C MET A 53 -11.32 0.09 -7.33
N THR A 54 -10.81 -0.14 -6.11
CA THR A 54 -11.70 -0.48 -5.02
C THR A 54 -12.70 0.64 -4.76
N VAL A 55 -12.25 1.90 -4.83
CA VAL A 55 -13.18 3.02 -4.65
C VAL A 55 -14.30 2.96 -5.70
N VAL A 56 -13.90 2.78 -6.96
CA VAL A 56 -14.87 2.69 -8.05
C VAL A 56 -15.85 1.55 -7.82
N ASN A 57 -15.33 0.38 -7.47
CA ASN A 57 -16.22 -0.77 -7.34
C ASN A 57 -17.18 -0.62 -6.17
N VAL A 58 -16.73 -0.03 -5.05
CA VAL A 58 -17.64 0.18 -3.94
C VAL A 58 -18.74 1.13 -4.37
N ALA A 59 -18.37 2.20 -5.07
CA ALA A 59 -19.39 3.15 -5.54
C ALA A 59 -20.37 2.50 -6.52
N GLU A 60 -19.84 1.69 -7.44
CA GLU A 60 -20.71 1.00 -8.39
C GLU A 60 -21.72 0.12 -7.67
N GLY A 61 -21.30 -0.55 -6.59
CA GLY A 61 -22.21 -1.39 -5.82
C GLY A 61 -23.42 -0.63 -5.32
N PHE A 62 -23.20 0.56 -4.75
CA PHE A 62 -24.32 1.35 -4.27
C PHE A 62 -25.16 1.93 -5.40
N LEU A 63 -24.54 2.28 -6.55
CA LEU A 63 -25.33 2.82 -7.65
C LEU A 63 -26.40 1.86 -8.09
N ALA A 64 -26.12 0.55 -8.03
CA ALA A 64 -27.04 -0.43 -8.55
C ALA A 64 -28.31 -0.55 -7.73
N VAL A 65 -28.34 -0.04 -6.50
CA VAL A 65 -29.48 -0.20 -5.61
C VAL A 65 -29.98 1.13 -5.06
N THR A 66 -29.57 2.25 -5.63
CA THR A 66 -29.97 3.57 -5.13
C THR A 66 -30.54 4.38 -6.29
N GLN A 67 -31.60 5.14 -6.01
CA GLN A 67 -32.24 5.97 -7.03
C GLN A 67 -31.45 7.26 -7.23
N HIS A 68 -31.04 7.53 -8.49
CA HIS A 68 -30.31 8.72 -8.86
C HIS A 68 -30.65 9.12 -10.28
N ASP A 69 -30.61 10.43 -10.55
CA ASP A 69 -30.58 10.90 -11.93
C ASP A 69 -29.29 10.41 -12.59
N GLU A 70 -29.33 10.32 -13.92
CA GLU A 70 -28.15 9.88 -14.65
C GLU A 70 -26.96 10.79 -14.39
N ALA A 71 -27.19 12.11 -14.37
CA ALA A 71 -26.09 13.03 -14.12
C ALA A 71 -25.46 12.80 -12.78
N THR A 72 -26.26 12.36 -11.80
CA THR A 72 -25.72 12.06 -10.48
C THR A 72 -24.90 10.78 -10.51
N LYS A 73 -25.39 9.76 -11.21
CA LYS A 73 -24.58 8.55 -11.36
C LYS A 73 -23.22 8.89 -11.94
N GLU A 74 -23.21 9.71 -12.99
CA GLU A 74 -21.96 10.10 -13.62
C GLU A 74 -21.07 10.86 -12.66
N ARG A 75 -21.65 11.78 -11.88
CA ARG A 75 -20.87 12.52 -10.89
C ARG A 75 -20.25 11.61 -9.85
N ILE A 76 -21.03 10.64 -9.33
CA ILE A 76 -20.52 9.75 -8.30
C ILE A 76 -19.39 8.91 -8.85
N LEU A 77 -19.56 8.37 -10.07
CA LEU A 77 -18.48 7.56 -10.65
C LEU A 77 -17.24 8.41 -10.90
N HIS A 78 -17.43 9.64 -11.36
CA HIS A 78 -16.28 10.51 -11.58
C HIS A 78 -15.57 10.81 -10.28
N ASP A 79 -16.33 11.08 -9.23
CA ASP A 79 -15.76 11.32 -7.90
C ASP A 79 -15.01 10.08 -7.42
N ALA A 80 -15.58 8.90 -7.62
CA ALA A 80 -14.90 7.68 -7.19
C ALA A 80 -13.57 7.52 -7.90
N CYS A 81 -13.52 7.87 -9.19
CA CYS A 81 -12.28 7.77 -9.93
C CYS A 81 -11.25 8.77 -9.46
N VAL A 82 -11.65 10.03 -9.23
CA VAL A 82 -10.74 11.02 -8.67
C VAL A 82 -10.23 10.56 -7.32
N GLY A 83 -11.14 10.10 -6.46
CA GLY A 83 -10.69 9.61 -5.16
C GLY A 83 -9.72 8.45 -5.29
N GLY A 84 -10.01 7.51 -6.19
CA GLY A 84 -9.08 6.42 -6.42
C GLY A 84 -7.72 6.89 -6.86
N TRP A 85 -7.67 7.90 -7.74
CA TRP A 85 -6.37 8.42 -8.15
C TRP A 85 -5.67 9.15 -7.01
N MET A 86 -6.42 9.77 -6.09
CA MET A 86 -5.77 10.30 -4.91
C MET A 86 -4.99 9.20 -4.19
N ILE A 87 -5.58 8.01 -4.09
CA ILE A 87 -4.91 6.93 -3.38
C ILE A 87 -3.73 6.41 -4.18
N GLU A 88 -3.88 6.30 -5.51
CA GLU A 88 -2.77 5.83 -6.35
C GLU A 88 -1.60 6.80 -6.29
N PHE A 89 -1.88 8.11 -6.29
CA PHE A 89 -0.82 9.09 -6.19
C PHE A 89 -0.18 9.10 -4.81
N LEU A 90 -0.97 8.84 -3.77
CA LEU A 90 -0.40 8.69 -2.43
C LEU A 90 0.54 7.50 -2.39
N GLN A 91 0.11 6.37 -2.96
CA GLN A 91 1.01 5.23 -3.03
C GLN A 91 2.28 5.59 -3.81
N ALA A 92 2.11 6.30 -4.93
CA ALA A 92 3.28 6.68 -5.74
C ALA A 92 4.27 7.48 -4.92
N HIS A 93 3.75 8.42 -4.10
CA HIS A 93 4.58 9.18 -3.16
C HIS A 93 5.38 8.25 -2.26
N TYR A 94 4.72 7.30 -1.61
N TYR A 94 4.69 7.34 -1.57
CA TYR A 94 5.44 6.45 -0.68
CA TYR A 94 5.36 6.37 -0.72
C TYR A 94 6.41 5.52 -1.40
C TYR A 94 6.45 5.63 -1.48
N LEU A 95 6.11 5.10 -2.65
CA LEU A 95 7.05 4.22 -3.34
C LEU A 95 8.30 4.98 -3.78
N VAL A 96 8.12 6.20 -4.28
CA VAL A 96 9.27 7.03 -4.66
C VAL A 96 10.17 7.27 -3.45
N GLU A 97 9.58 7.64 -2.32
CA GLU A 97 10.41 7.98 -1.17
C GLU A 97 10.99 6.73 -0.54
N ASP A 98 10.22 5.64 -0.45
CA ASP A 98 10.72 4.41 0.14
C ASP A 98 11.84 3.80 -0.69
N ASP A 99 11.75 3.89 -2.02
CA ASP A 99 12.83 3.38 -2.85
C ASP A 99 14.12 4.14 -2.58
N ILE A 100 14.03 5.46 -2.37
CA ILE A 100 15.23 6.23 -2.02
C ILE A 100 15.75 5.83 -0.65
N MET A 101 14.84 5.77 0.34
CA MET A 101 15.22 5.44 1.71
C MET A 101 15.90 4.07 1.78
N ASP A 102 15.39 3.10 1.02
CA ASP A 102 15.88 1.74 1.07
C ASP A 102 17.03 1.50 0.11
N GLY A 103 17.37 2.47 -0.73
CA GLY A 103 18.37 2.26 -1.76
C GLY A 103 17.97 1.19 -2.75
N SER A 104 16.67 1.11 -3.07
CA SER A 104 16.19 0.11 -3.97
C SER A 104 16.69 0.37 -5.38
N VAL A 105 16.74 -0.70 -6.19
CA VAL A 105 17.31 -0.64 -7.52
C VAL A 105 16.24 -0.59 -8.59
N MET A 106 15.30 -1.53 -8.55
N MET A 106 15.28 -1.51 -8.52
CA MET A 106 14.25 -1.64 -9.56
CA MET A 106 14.23 -1.65 -9.51
C MET A 106 12.88 -1.66 -8.90
C MET A 106 12.87 -1.62 -8.87
N ARG A 107 11.88 -1.27 -9.67
CA ARG A 107 10.48 -1.38 -9.30
C ARG A 107 9.68 -1.56 -10.58
N ARG A 108 8.84 -2.60 -10.62
CA ARG A 108 8.01 -2.89 -11.80
C ARG A 108 8.87 -3.08 -13.05
N GLY A 109 10.03 -3.72 -12.89
CA GLY A 109 10.87 -4.05 -14.02
C GLY A 109 11.62 -2.88 -14.61
N LYS A 110 11.53 -1.70 -14.03
CA LYS A 110 12.24 -0.51 -14.48
C LYS A 110 13.07 0.03 -13.33
N PRO A 111 14.04 0.89 -13.60
CA PRO A 111 14.77 1.51 -12.49
C PRO A 111 13.83 2.30 -11.60
N CYS A 112 14.17 2.36 -10.31
CA CYS A 112 13.44 3.25 -9.43
C CYS A 112 13.59 4.68 -9.94
N TRP A 113 12.55 5.50 -9.69
CA TRP A 113 12.53 6.85 -10.26
C TRP A 113 13.81 7.63 -9.96
N TYR A 114 14.31 7.58 -8.72
CA TYR A 114 15.49 8.39 -8.40
C TYR A 114 16.73 7.99 -9.19
N ARG A 115 16.75 6.78 -9.74
CA ARG A 115 17.88 6.29 -10.52
C ARG A 115 17.80 6.64 -11.99
N PHE A 116 16.73 7.29 -12.44
CA PHE A 116 16.73 7.79 -13.82
C PHE A 116 17.85 8.81 -13.96
N PRO A 117 18.56 8.83 -15.10
CA PRO A 117 19.77 9.65 -15.19
C PRO A 117 19.52 11.13 -14.97
N GLY A 118 18.40 11.64 -15.47
CA GLY A 118 18.09 13.06 -15.34
C GLY A 118 17.21 13.42 -14.16
N VAL A 119 17.13 12.52 -13.19
CA VAL A 119 16.32 12.75 -11.99
C VAL A 119 17.28 12.94 -10.83
N THR A 120 17.84 11.85 -10.31
CA THR A 120 18.74 11.80 -9.15
C THR A 120 17.99 12.08 -7.85
N THR A 121 18.62 11.76 -6.74
CA THR A 121 17.96 11.92 -5.44
C THR A 121 17.58 13.38 -5.20
N GLN A 122 18.39 14.31 -5.69
CA GLN A 122 18.14 15.71 -5.42
C GLN A 122 16.76 16.12 -5.95
N CYS A 123 16.36 15.58 -7.09
CA CYS A 123 15.05 15.90 -7.63
C CYS A 123 13.97 14.96 -7.14
N ALA A 124 14.32 13.67 -6.98
CA ALA A 124 13.33 12.65 -6.72
C ALA A 124 12.65 12.85 -5.37
N ILE A 125 13.39 13.25 -4.33
CA ILE A 125 12.72 13.47 -3.05
C ILE A 125 11.63 14.51 -3.22
N ASN A 126 11.93 15.60 -3.93
CA ASN A 126 10.93 16.63 -4.13
C ASN A 126 9.81 16.18 -5.04
N ASP A 127 10.12 15.35 -6.04
CA ASP A 127 9.08 14.78 -6.90
C ASP A 127 8.07 13.99 -6.08
N GLY A 128 8.58 13.18 -5.12
CA GLY A 128 7.67 12.46 -4.24
C GLY A 128 6.81 13.39 -3.40
N ILE A 129 7.39 14.51 -2.95
CA ILE A 129 6.61 15.50 -2.22
C ILE A 129 5.49 16.06 -3.10
N ILE A 130 5.82 16.39 -4.34
CA ILE A 130 4.83 16.90 -5.29
C ILE A 130 3.71 15.88 -5.50
N LEU A 131 4.06 14.60 -5.63
CA LEU A 131 3.02 13.59 -5.83
C LEU A 131 1.96 13.64 -4.73
N LYS A 132 2.38 13.77 -3.48
CA LYS A 132 1.35 13.82 -2.43
C LYS A 132 0.63 15.17 -2.45
N SER A 133 1.33 16.24 -2.80
N SER A 133 1.34 16.25 -2.77
CA SER A 133 0.65 17.51 -2.88
CA SER A 133 0.67 17.55 -2.88
C SER A 133 -0.45 17.47 -3.93
C SER A 133 -0.43 17.50 -3.92
N TRP A 134 -0.19 16.80 -5.05
CA TRP A 134 -1.20 16.67 -6.08
C TRP A 134 -2.47 16.01 -5.57
N THR A 135 -2.37 15.09 -4.58
CA THR A 135 -3.60 14.47 -4.07
C THR A 135 -4.50 15.52 -3.44
N GLN A 136 -3.91 16.50 -2.76
CA GLN A 136 -4.70 17.54 -2.13
C GLN A 136 -5.27 18.51 -3.16
N ILE A 137 -4.50 18.80 -4.20
CA ILE A 137 -5.04 19.65 -5.27
C ILE A 137 -6.26 18.99 -5.90
N MET A 138 -6.15 17.71 -6.23
CA MET A 138 -7.30 16.93 -6.70
C MET A 138 -8.53 17.12 -5.82
N ALA A 139 -8.37 16.90 -4.52
CA ALA A 139 -9.54 16.91 -3.64
C ALA A 139 -10.15 18.30 -3.59
N TRP A 140 -9.33 19.31 -3.38
CA TRP A 140 -9.89 20.66 -3.23
C TRP A 140 -10.52 21.13 -4.53
N HIS A 141 -9.98 20.72 -5.67
CA HIS A 141 -10.58 21.14 -6.93
C HIS A 141 -11.84 20.36 -7.28
N TYR A 142 -11.75 19.02 -7.34
CA TYR A 142 -12.89 18.23 -7.81
C TYR A 142 -13.99 18.12 -6.76
N PHE A 143 -13.65 18.19 -5.47
CA PHE A 143 -14.63 17.99 -4.41
C PHE A 143 -14.99 19.29 -3.69
N ALA A 144 -14.67 20.43 -4.32
CA ALA A 144 -14.93 21.74 -3.72
C ALA A 144 -16.34 21.87 -3.16
N ASP A 145 -17.34 21.44 -3.92
CA ASP A 145 -18.73 21.66 -3.57
C ASP A 145 -19.33 20.47 -2.83
N ARG A 146 -18.49 19.48 -2.46
CA ARG A 146 -19.12 18.24 -2.08
C ARG A 146 -19.33 18.17 -0.57
N PRO A 147 -20.43 17.57 -0.12
CA PRO A 147 -20.64 17.46 1.33
C PRO A 147 -19.61 16.63 2.05
N PHE A 148 -18.97 15.69 1.35
CA PHE A 148 -18.00 14.79 1.95
C PHE A 148 -16.58 15.33 1.94
N LEU A 149 -16.36 16.56 1.48
CA LEU A 149 -15.00 17.08 1.36
C LEU A 149 -14.29 17.00 2.70
N LYS A 150 -14.92 17.53 3.75
CA LYS A 150 -14.28 17.53 5.06
C LYS A 150 -13.95 16.11 5.53
N ASP A 151 -14.92 15.19 5.51
CA ASP A 151 -14.67 13.85 6.01
C ASP A 151 -13.57 13.17 5.21
N LEU A 152 -13.55 13.42 3.92
CA LEU A 152 -12.57 12.78 3.05
C LEU A 152 -11.16 13.30 3.32
N LEU A 153 -10.99 14.62 3.43
CA LEU A 153 -9.66 15.15 3.72
C LEU A 153 -9.18 14.69 5.09
N CYS A 154 -10.08 14.64 6.08
CA CYS A 154 -9.71 14.20 7.42
C CYS A 154 -9.25 12.74 7.40
N LEU A 155 -10.03 11.87 6.77
CA LEU A 155 -9.65 10.46 6.61
C LEU A 155 -8.30 10.33 5.94
N PHE A 156 -8.11 11.06 4.84
CA PHE A 156 -6.89 10.94 4.06
C PHE A 156 -5.67 11.31 4.91
N GLN A 157 -5.80 12.39 5.69
CA GLN A 157 -4.73 12.82 6.60
C GLN A 157 -4.42 11.74 7.61
N LYS A 158 -5.45 11.17 8.23
N LYS A 158 -5.45 11.22 8.27
CA LYS A 158 -5.19 10.18 9.28
CA LYS A 158 -5.26 10.17 9.26
C LYS A 158 -4.58 8.91 8.71
C LYS A 158 -4.48 9.02 8.64
N VAL A 159 -4.93 8.55 7.48
CA VAL A 159 -4.34 7.38 6.84
C VAL A 159 -2.89 7.65 6.46
N ASP A 160 -2.63 8.83 5.89
CA ASP A 160 -1.26 9.21 5.54
C ASP A 160 -0.36 9.18 6.76
N TYR A 161 -0.81 9.76 7.88
CA TYR A 161 -0.01 9.76 9.10
C TYR A 161 0.25 8.36 9.59
N ALA A 162 -0.80 7.54 9.64
CA ALA A 162 -0.63 6.16 10.08
C ALA A 162 0.41 5.47 9.23
N THR A 163 0.40 5.75 7.93
CA THR A 163 1.32 5.09 7.01
C THR A 163 2.76 5.53 7.28
N ALA A 164 2.99 6.83 7.52
CA ALA A 164 4.32 7.31 7.84
C ALA A 164 4.81 6.71 9.16
N VAL A 165 3.92 6.61 10.15
CA VAL A 165 4.30 5.97 11.42
C VAL A 165 4.66 4.51 11.16
N GLY A 166 3.88 3.83 10.32
CA GLY A 166 4.20 2.45 9.96
C GLY A 166 5.55 2.29 9.28
N GLN A 167 5.92 3.25 8.45
N GLN A 167 5.91 3.25 8.41
CA GLN A 167 7.23 3.18 7.81
CA GLN A 167 7.24 3.19 7.78
C GLN A 167 8.34 3.29 8.83
C GLN A 167 8.33 3.27 8.85
N MET A 168 8.16 4.15 9.84
CA MET A 168 9.13 4.20 10.93
C MET A 168 9.20 2.84 11.62
N TYR A 169 8.05 2.24 11.93
CA TYR A 169 8.08 0.93 12.57
C TYR A 169 8.83 -0.09 11.72
N ASP A 170 8.60 -0.05 10.40
CA ASP A 170 9.21 -1.01 9.50
C ASP A 170 10.72 -0.86 9.41
N VAL A 171 11.21 0.36 9.21
CA VAL A 171 12.64 0.50 8.96
C VAL A 171 13.47 0.38 10.21
N THR A 172 12.84 0.44 11.40
CA THR A 172 13.54 0.24 12.67
C THR A 172 13.25 -1.14 13.29
N SER A 173 12.64 -2.05 12.54
CA SER A 173 12.15 -3.29 13.14
C SER A 173 13.27 -4.27 13.47
N MET A 174 14.47 -4.05 12.96
CA MET A 174 15.62 -4.91 13.21
C MET A 174 16.52 -4.36 14.29
N CYS A 175 16.18 -3.21 14.88
N CYS A 175 16.13 -3.30 14.97
CA CYS A 175 16.87 -2.67 16.05
CA CYS A 175 16.91 -2.72 16.04
C CYS A 175 16.18 -3.19 17.31
C CYS A 175 16.19 -2.89 17.37
N ASP A 176 16.94 -3.28 18.40
CA ASP A 176 16.32 -3.42 19.70
C ASP A 176 15.75 -2.07 20.10
N SER A 177 14.48 -2.06 20.55
CA SER A 177 13.84 -0.78 20.84
C SER A 177 14.62 0.05 21.87
N ASN A 178 15.18 -0.60 22.88
CA ASN A 178 15.89 0.12 23.93
C ASN A 178 17.21 0.70 23.48
N LYS A 179 17.67 0.38 22.28
CA LYS A 179 18.89 0.93 21.73
C LYS A 179 18.62 2.03 20.72
N LEU A 180 17.36 2.29 20.40
CA LEU A 180 17.01 3.34 19.45
C LEU A 180 17.38 4.69 20.01
N ASP A 181 18.21 5.43 19.27
CA ASP A 181 18.77 6.67 19.76
C ASP A 181 19.36 7.50 18.62
N PRO A 182 18.87 8.72 18.37
CA PRO A 182 19.43 9.48 17.25
C PRO A 182 20.92 9.69 17.32
N GLU A 183 21.51 9.71 18.51
CA GLU A 183 22.93 9.94 18.67
C GLU A 183 23.80 8.71 18.43
N VAL A 184 23.24 7.52 18.26
CA VAL A 184 24.04 6.29 18.23
C VAL A 184 23.65 5.44 17.02
N ALA A 185 24.64 5.09 16.20
CA ALA A 185 24.36 4.27 15.03
C ALA A 185 23.66 3.00 15.46
N GLN A 186 22.61 2.65 14.74
CA GLN A 186 21.70 1.62 15.21
C GLN A 186 22.25 0.24 14.88
N PRO A 187 22.57 -0.58 15.88
CA PRO A 187 23.01 -1.95 15.60
C PRO A 187 21.82 -2.87 15.39
N MET A 188 22.03 -3.87 14.53
CA MET A 188 21.04 -4.91 14.36
C MET A 188 20.89 -5.72 15.65
N THR A 189 19.64 -6.08 15.95
CA THR A 189 19.37 -6.99 17.05
C THR A 189 20.19 -8.26 16.93
N THR A 190 20.61 -8.78 18.08
CA THR A 190 21.21 -10.11 18.09
C THR A 190 20.28 -11.17 18.63
N ASP A 191 19.28 -10.79 19.44
CA ASP A 191 18.40 -11.79 20.02
C ASP A 191 17.10 -11.99 19.26
N PHE A 192 16.74 -11.07 18.38
CA PHE A 192 15.51 -11.15 17.61
C PHE A 192 14.28 -11.33 18.50
N ALA A 193 14.35 -10.82 19.73
CA ALA A 193 13.21 -10.97 20.62
C ALA A 193 12.00 -10.20 20.15
N GLU A 194 12.20 -9.13 19.37
CA GLU A 194 11.07 -8.36 18.88
C GLU A 194 10.56 -8.86 17.55
N PHE A 195 11.02 -10.02 17.09
CA PHE A 195 10.44 -10.67 15.91
C PHE A 195 9.33 -11.59 16.41
N THR A 196 8.20 -10.99 16.75
CA THR A 196 7.04 -11.71 17.26
C THR A 196 5.83 -11.48 16.38
N PRO A 197 4.83 -12.35 16.44
CA PRO A 197 3.60 -12.10 15.68
C PRO A 197 2.94 -10.79 16.03
N ALA A 198 2.89 -10.44 17.30
CA ALA A 198 2.21 -9.19 17.68
C ALA A 198 2.93 -7.98 17.14
N ILE A 199 4.27 -8.01 17.18
CA ILE A 199 5.00 -6.86 16.69
C ILE A 199 4.92 -6.78 15.18
N TYR A 200 5.06 -7.93 14.50
CA TYR A 200 4.84 -7.98 13.06
C TYR A 200 3.47 -7.40 12.70
N LYS A 201 2.42 -7.81 13.41
CA LYS A 201 1.08 -7.32 13.08
C LYS A 201 0.96 -5.82 13.24
N ARG A 202 1.63 -5.25 14.27
CA ARG A 202 1.62 -3.80 14.44
C ARG A 202 2.31 -3.11 13.27
N ILE A 203 3.50 -3.58 12.88
CA ILE A 203 4.22 -2.97 11.77
C ILE A 203 3.35 -2.94 10.53
N VAL A 204 2.73 -4.08 10.21
CA VAL A 204 2.01 -4.23 8.96
C VAL A 204 0.74 -3.40 8.99
N LYS A 205 0.05 -3.40 10.12
CA LYS A 205 -1.20 -2.65 10.24
C LYS A 205 -0.97 -1.21 9.82
N TYR A 206 0.07 -0.60 10.36
CA TYR A 206 0.31 0.81 10.08
C TYR A 206 0.97 1.01 8.72
N LYS A 207 1.93 0.19 8.33
CA LYS A 207 2.68 0.59 7.15
C LYS A 207 1.91 0.36 5.86
N THR A 208 0.91 -0.53 5.83
CA THR A 208 0.21 -0.75 4.58
C THR A 208 -1.31 -0.84 4.70
N THR A 209 -1.88 -1.34 5.79
CA THR A 209 -3.30 -1.66 5.71
C THR A 209 -4.19 -0.43 5.69
N PHE A 210 -3.77 0.68 6.29
CA PHE A 210 -4.62 1.86 6.26
C PHE A 210 -4.76 2.40 4.84
N TYR A 211 -3.66 2.49 4.06
CA TYR A 211 -3.82 3.08 2.74
C TYR A 211 -4.20 2.08 1.67
N THR A 212 -3.97 0.79 1.90
CA THR A 212 -4.26 -0.20 0.87
C THR A 212 -5.69 -0.70 0.93
N TYR A 213 -6.28 -0.78 2.13
CA TYR A 213 -7.65 -1.30 2.26
C TYR A 213 -8.59 -0.35 2.98
N LEU A 214 -8.19 0.24 4.09
CA LEU A 214 -9.14 1.09 4.81
C LEU A 214 -9.51 2.31 3.96
N LEU A 215 -8.50 3.00 3.42
CA LEU A 215 -8.76 4.23 2.68
C LEU A 215 -9.64 3.98 1.46
N PRO A 216 -9.36 2.98 0.62
CA PRO A 216 -10.26 2.79 -0.55
C PRO A 216 -11.68 2.42 -0.15
N LEU A 217 -11.84 1.57 0.85
CA LEU A 217 -13.18 1.17 1.25
C LEU A 217 -13.98 2.36 1.76
N VAL A 218 -13.39 3.13 2.67
CA VAL A 218 -14.11 4.24 3.27
C VAL A 218 -14.30 5.37 2.26
N MET A 219 -13.31 5.61 1.40
CA MET A 219 -13.52 6.62 0.36
C MET A 219 -14.68 6.22 -0.55
N GLY A 220 -14.81 4.93 -0.88
CA GLY A 220 -15.96 4.50 -1.64
C GLY A 220 -17.26 4.80 -0.95
N LEU A 221 -17.30 4.59 0.36
CA LEU A 221 -18.49 4.95 1.15
C LEU A 221 -18.74 6.44 1.12
N LEU A 222 -17.70 7.25 1.24
CA LEU A 222 -17.89 8.70 1.35
C LEU A 222 -18.42 9.28 0.05
N VAL A 223 -17.86 8.88 -1.09
CA VAL A 223 -18.32 9.48 -2.34
C VAL A 223 -19.72 8.98 -2.70
N SER A 224 -20.17 7.89 -2.09
CA SER A 224 -21.53 7.38 -2.24
C SER A 224 -22.48 7.92 -1.18
N GLU A 225 -21.98 8.72 -0.25
CA GLU A 225 -22.77 9.24 0.85
C GLU A 225 -23.49 8.10 1.56
N ALA A 226 -22.69 7.08 1.91
CA ALA A 226 -23.21 5.83 2.45
C ALA A 226 -22.52 5.38 3.73
N ALA A 227 -21.65 6.20 4.32
CA ALA A 227 -20.86 5.74 5.45
C ALA A 227 -21.74 5.47 6.65
N ALA A 228 -22.74 6.33 6.89
CA ALA A 228 -23.58 6.15 8.06
C ALA A 228 -24.38 4.84 8.00
N SER A 229 -24.45 4.19 6.85
CA SER A 229 -25.22 2.98 6.68
C SER A 229 -24.43 1.70 6.97
N VAL A 230 -23.16 1.78 7.36
CA VAL A 230 -22.32 0.63 7.69
C VAL A 230 -21.83 0.77 9.12
N GLU A 231 -21.42 -0.34 9.71
CA GLU A 231 -20.76 -0.35 11.01
C GLU A 231 -19.27 -0.14 10.79
N MET A 232 -18.78 1.07 11.08
CA MET A 232 -17.40 1.38 10.77
C MET A 232 -16.41 0.48 11.51
N ASN A 233 -16.74 0.02 12.71
CA ASN A 233 -15.82 -0.87 13.40
C ASN A 233 -15.56 -2.16 12.61
N LEU A 234 -16.57 -2.66 11.88
CA LEU A 234 -16.37 -3.85 11.05
C LEU A 234 -15.52 -3.54 9.83
N VAL A 235 -15.74 -2.37 9.23
CA VAL A 235 -14.93 -1.99 8.07
C VAL A 235 -13.45 -1.96 8.48
N GLU A 236 -13.16 -1.34 9.63
CA GLU A 236 -11.79 -1.31 10.12
C GLU A 236 -11.24 -2.70 10.32
N ARG A 237 -12.01 -3.56 10.98
CA ARG A 237 -11.51 -4.89 11.27
C ARG A 237 -11.23 -5.66 10.00
N VAL A 238 -12.11 -5.55 9.02
CA VAL A 238 -11.91 -6.34 7.82
C VAL A 238 -10.79 -5.73 6.98
N ALA A 239 -10.67 -4.39 6.97
CA ALA A 239 -9.57 -3.78 6.22
C ALA A 239 -8.22 -4.17 6.81
N HIS A 240 -8.11 -4.18 8.13
CA HIS A 240 -6.81 -4.53 8.70
C HIS A 240 -6.49 -6.00 8.52
N LEU A 241 -7.51 -6.88 8.53
CA LEU A 241 -7.28 -8.30 8.31
C LEU A 241 -6.85 -8.61 6.88
N ILE A 242 -7.62 -8.12 5.89
CA ILE A 242 -7.24 -8.36 4.50
C ILE A 242 -5.89 -7.72 4.20
N GLY A 243 -5.65 -6.52 4.73
CA GLY A 243 -4.38 -5.84 4.48
C GLY A 243 -3.19 -6.61 5.03
N GLU A 244 -3.36 -7.26 6.19
CA GLU A 244 -2.28 -8.06 6.71
C GLU A 244 -1.98 -9.24 5.80
N TYR A 245 -3.02 -9.90 5.31
CA TYR A 245 -2.81 -11.03 4.41
C TYR A 245 -2.09 -10.59 3.16
N PHE A 246 -2.47 -9.43 2.63
CA PHE A 246 -1.82 -8.89 1.45
C PHE A 246 -0.32 -8.74 1.68
N GLN A 247 0.06 -8.20 2.84
CA GLN A 247 1.47 -7.98 3.13
C GLN A 247 2.21 -9.29 3.37
N VAL A 248 1.56 -10.27 4.02
CA VAL A 248 2.20 -11.57 4.19
C VAL A 248 2.53 -12.17 2.83
N GLN A 249 1.60 -12.10 1.88
CA GLN A 249 1.88 -12.57 0.53
C GLN A 249 3.09 -11.87 -0.03
N ASP A 250 3.15 -10.53 0.12
CA ASP A 250 4.29 -9.77 -0.39
C ASP A 250 5.59 -10.23 0.25
N ASP A 251 5.60 -10.43 1.58
CA ASP A 251 6.81 -10.92 2.25
C ASP A 251 7.27 -12.25 1.68
N VAL A 252 6.34 -13.20 1.47
CA VAL A 252 6.75 -14.49 0.94
C VAL A 252 7.32 -14.34 -0.46
N MET A 253 6.70 -13.50 -1.28
CA MET A 253 7.17 -13.31 -2.65
C MET A 253 8.56 -12.66 -2.69
N ASP A 254 8.84 -11.75 -1.77
CA ASP A 254 10.16 -11.11 -1.75
C ASP A 254 11.27 -12.15 -1.72
N CYS A 255 11.05 -13.24 -1.00
CA CYS A 255 12.05 -14.28 -0.82
C CYS A 255 12.02 -15.32 -1.93
N PHE A 256 10.83 -15.71 -2.38
CA PHE A 256 10.71 -16.89 -3.22
C PHE A 256 10.20 -16.66 -4.64
N THR A 257 9.76 -15.47 -4.98
CA THR A 257 9.27 -15.27 -6.35
C THR A 257 10.43 -14.84 -7.25
N PRO A 258 10.59 -15.43 -8.42
CA PRO A 258 11.72 -15.07 -9.29
C PRO A 258 11.71 -13.58 -9.61
N PRO A 259 12.87 -12.94 -9.58
CA PRO A 259 12.92 -11.51 -9.90
C PRO A 259 12.23 -11.14 -11.20
N GLU A 260 12.28 -12.01 -12.22
CA GLU A 260 11.61 -11.69 -13.47
C GLU A 260 10.12 -11.44 -13.26
N GLN A 261 9.49 -12.23 -12.41
CA GLN A 261 8.08 -12.02 -12.10
C GLN A 261 7.87 -10.97 -11.02
N LEU A 262 8.81 -10.87 -10.09
CA LEU A 262 8.68 -9.90 -9.00
C LEU A 262 8.87 -8.48 -9.51
N GLY A 263 9.66 -8.29 -10.56
CA GLY A 263 9.97 -6.96 -11.06
C GLY A 263 11.16 -6.32 -10.40
N LYS A 264 11.89 -7.08 -9.57
CA LYS A 264 13.01 -6.58 -8.80
C LYS A 264 13.65 -7.77 -8.10
N VAL A 265 14.85 -7.53 -7.57
CA VAL A 265 15.54 -8.46 -6.69
C VAL A 265 15.09 -8.14 -5.27
N GLY A 266 14.46 -9.09 -4.58
CA GLY A 266 14.07 -8.87 -3.20
C GLY A 266 15.26 -8.98 -2.26
N THR A 267 15.31 -8.06 -1.28
CA THR A 267 16.44 -8.02 -0.36
C THR A 267 16.01 -8.01 1.11
N ASP A 268 14.82 -8.52 1.44
CA ASP A 268 14.35 -8.46 2.82
C ASP A 268 15.32 -9.17 3.79
N ILE A 269 15.90 -10.29 3.38
CA ILE A 269 16.82 -10.99 4.25
C ILE A 269 18.07 -10.15 4.51
N GLU A 270 18.70 -9.65 3.44
CA GLU A 270 19.87 -8.79 3.60
C GLU A 270 19.57 -7.58 4.47
N ASP A 271 18.37 -7.03 4.33
CA ASP A 271 17.94 -5.82 5.02
C ASP A 271 17.45 -6.09 6.43
N ALA A 272 17.45 -7.36 6.84
CA ALA A 272 17.10 -7.79 8.19
C ALA A 272 15.66 -7.44 8.57
N LYS A 273 14.77 -7.48 7.59
CA LYS A 273 13.40 -7.06 7.83
C LYS A 273 12.66 -8.04 8.74
N CYS A 274 11.72 -7.49 9.51
CA CYS A 274 10.81 -8.31 10.31
C CYS A 274 9.69 -8.79 9.39
N SER A 275 10.01 -9.80 8.60
CA SER A 275 9.10 -10.38 7.63
C SER A 275 8.28 -11.49 8.28
N TRP A 276 7.17 -11.82 7.62
CA TRP A 276 6.38 -12.94 8.10
C TRP A 276 7.19 -14.22 8.11
N LEU A 277 8.08 -14.38 7.12
CA LEU A 277 8.90 -15.59 7.07
C LEU A 277 9.82 -15.69 8.28
N ALA A 278 10.46 -14.58 8.65
CA ALA A 278 11.40 -14.64 9.77
C ALA A 278 10.67 -14.89 11.08
N VAL A 279 9.55 -14.20 11.30
CA VAL A 279 8.79 -14.37 12.53
C VAL A 279 8.27 -15.79 12.64
N THR A 280 7.71 -16.30 11.54
CA THR A 280 7.14 -17.64 11.54
C THR A 280 8.23 -18.71 11.69
N PHE A 281 9.37 -18.54 11.00
CA PHE A 281 10.51 -19.42 11.24
C PHE A 281 10.90 -19.47 12.72
N LEU A 282 11.01 -18.29 13.35
CA LEU A 282 11.42 -18.26 14.75
C LEU A 282 10.35 -18.83 15.66
N GLY A 283 9.13 -18.92 15.17
CA GLY A 283 8.06 -19.52 15.95
C GLY A 283 8.00 -21.02 15.90
N LYS A 284 8.84 -21.67 15.09
CA LYS A 284 8.84 -23.12 15.04
C LYS A 284 10.23 -23.73 15.08
N ALA A 285 11.29 -22.93 15.07
CA ALA A 285 12.65 -23.46 14.96
C ALA A 285 13.11 -24.07 16.26
N ASN A 286 14.02 -25.04 16.14
CA ASN A 286 14.72 -25.58 17.31
C ASN A 286 15.96 -24.71 17.58
N ALA A 287 16.66 -25.04 18.67
CA ALA A 287 17.77 -24.18 19.11
C ALA A 287 18.83 -24.05 18.03
N ALA A 288 19.18 -25.15 17.38
CA ALA A 288 20.25 -25.10 16.39
C ALA A 288 19.84 -24.26 15.18
N GLN A 289 18.56 -24.37 14.79
CA GLN A 289 18.07 -23.58 13.66
C GLN A 289 18.03 -22.10 14.01
N VAL A 290 17.66 -21.77 15.25
CA VAL A 290 17.69 -20.36 15.66
C VAL A 290 19.12 -19.83 15.62
N ALA A 291 20.08 -20.62 16.10
CA ALA A 291 21.45 -20.16 16.10
C ALA A 291 21.96 -19.96 14.69
N GLU A 292 21.57 -20.84 13.76
CA GLU A 292 22.04 -20.68 12.39
C GLU A 292 21.40 -19.45 11.75
N PHE A 293 20.12 -19.23 12.03
CA PHE A 293 19.46 -18.01 11.53
C PHE A 293 20.20 -16.78 12.01
N LYS A 294 20.53 -16.73 13.31
CA LYS A 294 21.20 -15.56 13.87
C LYS A 294 22.56 -15.34 13.21
N ALA A 295 23.28 -16.42 12.93
CA ALA A 295 24.59 -16.27 12.29
C ALA A 295 24.53 -15.81 10.84
N ASN A 296 23.36 -15.80 10.20
CA ASN A 296 23.32 -15.49 8.78
C ASN A 296 22.37 -14.38 8.37
N TYR A 297 21.42 -13.99 9.21
CA TYR A 297 20.41 -13.02 8.82
C TYR A 297 20.95 -11.60 8.79
N GLY A 298 20.43 -10.80 7.86
CA GLY A 298 20.75 -9.39 7.83
C GLY A 298 22.12 -9.05 7.28
N GLU A 299 22.65 -9.86 6.38
CA GLU A 299 23.95 -9.62 5.79
C GLU A 299 23.87 -9.74 4.28
N LYS A 300 24.60 -8.86 3.59
CA LYS A 300 24.55 -8.83 2.13
C LYS A 300 25.15 -10.09 1.51
N ASP A 301 26.10 -10.71 2.18
CA ASP A 301 26.80 -11.89 1.72
C ASP A 301 25.86 -12.92 1.10
N PRO A 302 25.93 -13.17 -0.20
CA PRO A 302 24.97 -14.11 -0.83
C PRO A 302 24.99 -15.50 -0.25
N ALA A 303 26.13 -15.95 0.29
CA ALA A 303 26.14 -17.28 0.87
C ALA A 303 25.32 -17.32 2.16
N LYS A 304 25.32 -16.21 2.91
CA LYS A 304 24.53 -16.15 4.14
C LYS A 304 23.04 -16.06 3.81
N VAL A 305 22.70 -15.31 2.76
CA VAL A 305 21.31 -15.23 2.30
C VAL A 305 20.82 -16.61 1.89
N ALA A 306 21.65 -17.37 1.15
CA ALA A 306 21.21 -18.69 0.73
C ALA A 306 21.02 -19.62 1.92
N VAL A 307 21.82 -19.45 2.97
CA VAL A 307 21.61 -20.25 4.18
C VAL A 307 20.24 -19.95 4.78
N VAL A 308 19.87 -18.66 4.82
CA VAL A 308 18.58 -18.31 5.39
C VAL A 308 17.44 -18.88 4.54
N LYS A 309 17.52 -18.76 3.22
CA LYS A 309 16.48 -19.33 2.39
C LYS A 309 16.39 -20.84 2.55
N ARG A 310 17.53 -21.51 2.76
CA ARG A 310 17.49 -22.95 3.00
C ARG A 310 16.83 -23.27 4.33
N LEU A 311 17.11 -22.49 5.38
CA LEU A 311 16.43 -22.72 6.65
C LEU A 311 14.93 -22.57 6.48
N TYR A 312 14.49 -21.57 5.71
CA TYR A 312 13.07 -21.36 5.50
C TYR A 312 12.45 -22.55 4.78
N SER A 313 13.12 -23.05 3.73
CA SER A 313 12.58 -24.16 2.96
C SER A 313 12.55 -25.44 3.77
N LYS A 314 13.56 -25.66 4.61
CA LYS A 314 13.59 -26.88 5.42
C LYS A 314 12.59 -26.80 6.57
N ALA A 315 12.11 -25.61 6.90
CA ALA A 315 11.15 -25.40 7.97
C ALA A 315 9.72 -25.61 7.51
N ASN A 316 9.50 -25.86 6.21
CA ASN A 316 8.17 -26.11 5.68
C ASN A 316 7.22 -25.00 6.06
N LEU A 317 7.62 -23.77 5.71
CA LEU A 317 6.78 -22.61 5.98
C LEU A 317 5.55 -22.54 5.07
N GLN A 318 5.52 -23.34 3.99
CA GLN A 318 4.30 -23.49 3.22
C GLN A 318 3.15 -23.98 4.08
N ALA A 319 3.45 -24.88 5.04
CA ALA A 319 2.39 -25.36 5.91
C ALA A 319 1.87 -24.26 6.82
N ASP A 320 2.77 -23.45 7.38
CA ASP A 320 2.30 -22.34 8.20
C ASP A 320 1.52 -21.34 7.36
N PHE A 321 1.93 -21.13 6.10
CA PHE A 321 1.17 -20.16 5.31
C PHE A 321 -0.23 -20.69 5.01
N ALA A 322 -0.33 -21.99 4.70
CA ALA A 322 -1.65 -22.54 4.45
C ALA A 322 -2.53 -22.44 5.69
N ALA A 323 -1.95 -22.63 6.88
CA ALA A 323 -2.73 -22.52 8.11
C ALA A 323 -3.13 -21.06 8.34
N TYR A 324 -2.21 -20.15 8.11
CA TYR A 324 -2.52 -18.72 8.22
C TYR A 324 -3.65 -18.34 7.27
N GLU A 325 -3.51 -18.72 6.00
CA GLU A 325 -4.53 -18.43 4.99
C GLU A 325 -5.89 -18.98 5.41
N ALA A 326 -5.92 -20.24 5.84
CA ALA A 326 -7.20 -20.83 6.23
C ALA A 326 -7.86 -20.05 7.35
N GLU A 327 -7.06 -19.54 8.28
CA GLU A 327 -7.62 -18.76 9.37
C GLU A 327 -8.11 -17.40 8.88
N VAL A 328 -7.37 -16.76 7.97
CA VAL A 328 -7.84 -15.49 7.43
C VAL A 328 -9.17 -15.70 6.69
N VAL A 329 -9.27 -16.78 5.92
CA VAL A 329 -10.52 -17.07 5.21
C VAL A 329 -11.68 -17.16 6.20
N ARG A 330 -11.51 -17.92 7.29
CA ARG A 330 -12.54 -18.00 8.32
C ARG A 330 -12.94 -16.62 8.83
N GLU A 331 -11.94 -15.80 9.15
CA GLU A 331 -12.25 -14.54 9.82
C GLU A 331 -12.85 -13.54 8.84
N VAL A 332 -12.35 -13.53 7.59
CA VAL A 332 -12.88 -12.58 6.62
C VAL A 332 -14.32 -12.94 6.29
N GLU A 333 -14.61 -14.22 6.11
CA GLU A 333 -15.98 -14.63 5.84
C GLU A 333 -16.89 -14.24 7.02
N SER A 334 -16.39 -14.37 8.24
CA SER A 334 -17.19 -13.99 9.40
C SER A 334 -17.52 -12.51 9.40
N LEU A 335 -16.52 -11.68 9.10
CA LEU A 335 -16.75 -10.24 9.08
C LEU A 335 -17.69 -9.85 7.94
N ILE A 336 -17.56 -10.50 6.78
CA ILE A 336 -18.50 -10.25 5.69
C ILE A 336 -19.92 -10.60 6.12
N GLU A 337 -20.10 -11.72 6.82
CA GLU A 337 -21.43 -12.05 7.30
C GLU A 337 -21.96 -10.99 8.25
N GLN A 338 -21.09 -10.43 9.07
CA GLN A 338 -21.55 -9.38 9.99
C GLN A 338 -21.92 -8.10 9.23
N LEU A 339 -21.18 -7.79 8.17
CA LEU A 339 -21.47 -6.58 7.40
C LEU A 339 -22.82 -6.65 6.74
N LYS A 340 -23.32 -7.87 6.48
CA LYS A 340 -24.63 -8.02 5.85
C LYS A 340 -25.76 -7.53 6.72
N VAL A 341 -25.56 -7.40 8.03
CA VAL A 341 -26.68 -7.03 8.90
C VAL A 341 -27.19 -5.63 8.53
N LYS A 342 -26.28 -4.67 8.39
CA LYS A 342 -26.65 -3.30 8.03
C LYS A 342 -26.47 -3.01 6.54
N SER A 343 -25.59 -3.73 5.86
CA SER A 343 -25.07 -3.30 4.57
C SER A 343 -24.81 -4.48 3.65
N PRO A 344 -25.86 -5.20 3.23
CA PRO A 344 -25.65 -6.33 2.31
C PRO A 344 -24.96 -5.93 1.01
N THR A 345 -25.23 -4.74 0.47
CA THR A 345 -24.52 -4.34 -0.75
C THR A 345 -23.03 -4.11 -0.49
N PHE A 346 -22.70 -3.42 0.59
CA PHE A 346 -21.28 -3.20 0.88
C PHE A 346 -20.58 -4.51 1.22
N ALA A 347 -21.28 -5.43 1.89
CA ALA A 347 -20.66 -6.71 2.20
C ALA A 347 -20.23 -7.44 0.93
N GLU A 348 -21.07 -7.40 -0.11
CA GLU A 348 -20.69 -8.02 -1.37
C GLU A 348 -19.49 -7.33 -1.98
N SER A 349 -19.40 -6.01 -1.87
CA SER A 349 -18.21 -5.34 -2.39
C SER A 349 -16.96 -5.79 -1.66
N VAL A 350 -17.06 -6.01 -0.35
CA VAL A 350 -15.91 -6.50 0.41
C VAL A 350 -15.58 -7.92 -0.01
N ALA A 351 -16.60 -8.75 -0.26
CA ALA A 351 -16.33 -10.10 -0.70
C ALA A 351 -15.55 -10.09 -2.01
N VAL A 352 -15.85 -9.14 -2.90
CA VAL A 352 -15.10 -9.04 -4.15
C VAL A 352 -13.67 -8.58 -3.89
N VAL A 353 -13.50 -7.57 -3.03
CA VAL A 353 -12.15 -7.16 -2.64
C VAL A 353 -11.35 -8.34 -2.11
N TRP A 354 -11.97 -9.16 -1.26
CA TRP A 354 -11.23 -10.30 -0.70
C TRP A 354 -10.87 -11.30 -1.79
N GLU A 355 -11.83 -11.64 -2.66
CA GLU A 355 -11.53 -12.62 -3.70
C GLU A 355 -10.37 -12.15 -4.56
N LYS A 356 -10.35 -10.87 -4.91
CA LYS A 356 -9.25 -10.34 -5.71
C LYS A 356 -7.92 -10.46 -4.97
N THR A 357 -7.92 -10.17 -3.67
CA THR A 357 -6.69 -10.29 -2.89
C THR A 357 -6.23 -11.74 -2.81
N HIS A 358 -7.15 -12.64 -2.48
CA HIS A 358 -6.84 -14.06 -2.27
C HIS A 358 -6.30 -14.69 -3.54
N LYS A 359 -6.91 -14.37 -4.68
CA LYS A 359 -6.64 -15.03 -5.95
C LYS A 359 -5.51 -14.36 -6.74
N ARG A 360 -4.78 -13.44 -6.13
CA ARG A 360 -3.72 -12.75 -6.86
C ARG A 360 -2.42 -13.53 -6.79
N LYS A 361 -1.58 -13.34 -7.81
CA LYS A 361 -0.25 -13.95 -7.91
C LYS A 361 0.38 -14.26 -6.56
S SO4 B . -0.80 -2.28 -7.41
O1 SO4 B . -0.18 -0.95 -7.20
O2 SO4 B . -0.27 -2.90 -8.64
O3 SO4 B . -2.26 -2.15 -7.57
O4 SO4 B . -0.52 -3.15 -6.28
C4 47Y C . 10.77 -23.00 -1.86
N1 47Y C . 9.88 -22.43 -0.84
C9 47Y C . 8.76 -21.71 -1.15
C10 47Y C . 7.96 -21.26 -0.06
C11 47Y C . 6.72 -20.56 0.10
C12 47Y C . 5.88 -20.05 -1.04
N3 47Y C . 8.40 -21.42 -2.43
C2 47Y C . 8.42 -21.56 1.21
O 47Y C . 7.53 -21.08 2.13
C1 47Y C . 6.50 -20.49 1.43
C 47Y C . 5.41 -19.91 2.25
C3 47Y C . 10.21 -22.64 0.46
N 47Y C . 9.54 -22.24 1.50
#